data_9PD0
#
_entry.id   9PD0
#
_cell.length_a   54.420
_cell.length_b   89.534
_cell.length_c   104.222
_cell.angle_alpha   90.000
_cell.angle_beta   90.000
_cell.angle_gamma   90.000
#
_symmetry.space_group_name_H-M   'P 21 21 21'
#
loop_
_entity.id
_entity.type
_entity.pdbx_description
1 polymer 'Panoptes OptS minimal CRISPR polymerase (mCpol)'
2 non-polymer 'DIPHOSPHOMETHYLPHOSPHONIC ACID ADENOSYL ESTER'
3 non-polymer 'MAGNESIUM ION'
4 water water
#
_entity_poly.entity_id   1
_entity_poly.type   'polypeptide(L)'
_entity_poly.pdbx_seq_one_letter_code
;MGSSHHHHHHGSMYIAIDGDDVGRKITSSYLSNSEERLTYISNKLNDTTKKISKMLLSNGFEIIFQAADGVTAKTDNEVN
LNFVFDKIKSYSFDEITFSAGVGANLREAYVALLNSKSNGKNMISIYKDIL
;
_entity_poly.pdbx_strand_id   A,B,C,D
#
loop_
_chem_comp.id
_chem_comp.type
_chem_comp.name
_chem_comp.formula
APC non-polymer 'DIPHOSPHOMETHYLPHOSPHONIC ACID ADENOSYL ESTER' 'C11 H18 N5 O12 P3'
MG non-polymer 'MAGNESIUM ION' 'Mg 2'
#
# COMPACT_ATOMS: atom_id res chain seq x y z
N SER A 12 17.37 19.72 17.95
CA SER A 12 16.00 19.25 17.83
C SER A 12 15.95 17.92 17.08
N MET A 13 15.23 16.95 17.64
CA MET A 13 15.14 15.61 17.09
C MET A 13 13.70 15.24 16.82
N TYR A 14 13.48 14.52 15.72
CA TYR A 14 12.17 14.01 15.34
C TYR A 14 12.24 12.49 15.23
N ILE A 15 11.19 11.82 15.69
CA ILE A 15 11.12 10.36 15.67
C ILE A 15 9.74 9.95 15.16
N ALA A 16 9.72 9.11 14.13
CA ALA A 16 8.48 8.61 13.54
C ALA A 16 8.40 7.11 13.78
N ILE A 17 7.32 6.66 14.40
CA ILE A 17 7.13 5.27 14.77
C ILE A 17 5.84 4.75 14.13
N ASP A 18 5.88 3.53 13.62
CA ASP A 18 4.73 2.94 12.95
C ASP A 18 4.76 1.43 13.12
N GLY A 19 3.60 0.85 13.35
CA GLY A 19 3.50 -0.59 13.49
C GLY A 19 3.84 -1.32 12.21
N ASP A 20 4.35 -2.54 12.36
CA ASP A 20 4.82 -3.35 11.24
C ASP A 20 3.77 -4.40 10.89
N ASP A 21 3.22 -4.31 9.68
CA ASP A 21 2.32 -5.34 9.15
C ASP A 21 1.06 -5.47 9.99
N VAL A 22 0.44 -4.33 10.28
CA VAL A 22 -0.79 -4.34 11.08
C VAL A 22 -2.00 -4.66 10.22
N GLY A 23 -2.06 -4.09 9.01
CA GLY A 23 -3.20 -4.34 8.15
C GLY A 23 -3.38 -5.80 7.80
N ARG A 24 -2.29 -6.57 7.78
CA ARG A 24 -2.39 -7.99 7.47
C ARG A 24 -3.27 -8.70 8.50
N LYS A 25 -3.10 -8.38 9.78
CA LYS A 25 -3.94 -8.97 10.81
C LYS A 25 -5.36 -8.42 10.76
N ILE A 26 -5.52 -7.16 10.35
CA ILE A 26 -6.85 -6.60 10.21
C ILE A 26 -7.58 -7.21 9.01
N THR A 27 -6.89 -7.33 7.88
CA THR A 27 -7.49 -7.98 6.72
C THR A 27 -7.90 -9.41 7.03
N SER A 28 -7.04 -10.14 7.75
CA SER A 28 -7.37 -11.51 8.12
C SER A 28 -8.65 -11.57 8.95
N SER A 29 -8.87 -10.58 9.80
CA SER A 29 -10.08 -10.56 10.63
C SER A 29 -11.32 -10.38 9.77
N TYR A 30 -11.28 -9.44 8.82
CA TYR A 30 -12.42 -9.24 7.93
C TYR A 30 -12.72 -10.50 7.12
N LEU A 31 -11.71 -11.04 6.44
CA LEU A 31 -11.94 -12.16 5.53
C LEU A 31 -12.41 -13.42 6.26
N SER A 32 -12.15 -13.52 7.56
CA SER A 32 -12.57 -14.69 8.33
C SER A 32 -13.81 -14.42 9.17
N ASN A 33 -14.42 -13.25 9.02
CA ASN A 33 -15.64 -12.90 9.76
C ASN A 33 -15.46 -13.10 11.25
N SER A 34 -14.37 -12.54 11.77
CA SER A 34 -14.02 -12.65 13.19
C SER A 34 -14.12 -11.28 13.83
N GLU A 35 -15.32 -10.93 14.29
CA GLU A 35 -15.51 -9.65 14.97
C GLU A 35 -14.65 -9.56 16.23
N GLU A 36 -14.35 -10.70 16.85
CA GLU A 36 -13.53 -10.68 18.07
C GLU A 36 -12.09 -10.31 17.76
N ARG A 37 -11.48 -10.96 16.77
CA ARG A 37 -10.10 -10.64 16.40
C ARG A 37 -9.98 -9.20 15.94
N LEU A 38 -10.95 -8.74 15.14
CA LEU A 38 -10.92 -7.35 14.67
C LEU A 38 -11.03 -6.38 15.83
N THR A 39 -11.88 -6.69 16.81
CA THR A 39 -11.99 -5.83 18.00
C THR A 39 -10.73 -5.88 18.84
N TYR A 40 -10.18 -7.08 19.06
CA TYR A 40 -8.96 -7.20 19.84
C TYR A 40 -7.81 -6.42 19.21
N ILE A 41 -7.66 -6.54 17.88
CA ILE A 41 -6.57 -5.84 17.20
C ILE A 41 -6.74 -4.33 17.34
N SER A 42 -7.95 -3.83 17.08
CA SER A 42 -8.18 -2.39 17.17
C SER A 42 -7.93 -1.88 18.58
N ASN A 43 -8.39 -2.62 19.59
CA ASN A 43 -8.21 -2.18 20.97
C ASN A 43 -6.75 -2.29 21.40
N LYS A 44 -6.13 -3.44 21.15
CA LYS A 44 -4.76 -3.65 21.61
C LYS A 44 -3.79 -2.67 20.95
N LEU A 45 -4.06 -2.27 19.71
CA LEU A 45 -3.19 -1.31 19.04
C LEU A 45 -3.32 0.08 19.64
N ASN A 46 -4.56 0.54 19.83
CA ASN A 46 -4.78 1.84 20.47
C ASN A 46 -4.12 1.90 21.83
N ASP A 47 -4.18 0.80 22.58
CA ASP A 47 -3.50 0.76 23.87
C ASP A 47 -1.98 0.75 23.72
N THR A 48 -1.47 0.28 22.58
CA THR A 48 -0.04 0.26 22.35
C THR A 48 0.49 1.65 21.96
N THR A 49 -0.27 2.39 21.15
CA THR A 49 0.17 3.73 20.74
C THR A 49 0.14 4.70 21.91
N LYS A 50 -0.95 4.67 22.69
CA LYS A 50 -0.99 5.49 23.89
C LYS A 50 0.15 5.13 24.84
N LYS A 51 0.47 3.84 24.94
CA LYS A 51 1.62 3.42 25.74
C LYS A 51 2.92 3.95 25.17
N ILE A 52 3.05 3.96 23.85
CA ILE A 52 4.22 4.56 23.21
C ILE A 52 4.25 6.06 23.49
N SER A 53 3.09 6.71 23.44
CA SER A 53 3.02 8.15 23.65
C SER A 53 3.41 8.52 25.07
N LYS A 54 2.81 7.85 26.06
CA LYS A 54 3.16 8.13 27.45
C LYS A 54 4.66 7.95 27.68
N MET A 55 5.24 6.92 27.06
CA MET A 55 6.68 6.70 27.22
C MET A 55 7.47 7.85 26.60
N LEU A 56 7.05 8.34 25.44
CA LEU A 56 7.75 9.46 24.82
C LEU A 56 7.56 10.74 25.63
N LEU A 57 6.36 10.94 26.19
CA LEU A 57 6.12 12.11 27.04
C LEU A 57 7.06 12.11 28.24
N SER A 58 7.14 10.99 28.95
CA SER A 58 7.99 10.91 30.13
C SER A 58 9.44 11.25 29.81
N ASN A 59 9.87 11.03 28.56
CA ASN A 59 11.23 11.33 28.14
C ASN A 59 11.37 12.72 27.53
N GLY A 60 10.38 13.60 27.73
CA GLY A 60 10.47 14.96 27.27
C GLY A 60 10.10 15.20 25.83
N PHE A 61 9.44 14.24 25.17
CA PHE A 61 9.03 14.42 23.79
C PHE A 61 7.71 15.18 23.71
N GLU A 62 7.55 15.91 22.61
CA GLU A 62 6.31 16.62 22.31
C GLU A 62 5.59 15.86 21.21
N ILE A 63 4.42 15.30 21.54
CA ILE A 63 3.69 14.46 20.61
C ILE A 63 3.18 15.31 19.46
N ILE A 64 3.55 14.95 18.24
CA ILE A 64 3.13 15.66 17.04
C ILE A 64 2.00 14.93 16.33
N PHE A 65 2.06 13.59 16.31
CA PHE A 65 1.09 12.77 15.59
C PHE A 65 0.85 11.50 16.39
N GLN A 66 -0.42 11.19 16.64
CA GLN A 66 -0.78 9.97 17.36
C GLN A 66 -2.13 9.50 16.82
N ALA A 67 -2.08 8.70 15.75
CA ALA A 67 -3.28 8.15 15.15
C ALA A 67 -2.91 6.87 14.41
N ALA A 68 -3.87 5.95 14.30
CA ALA A 68 -3.68 4.67 13.62
C ALA A 68 -2.57 3.92 14.37
N ASP A 69 -1.59 3.34 13.67
CA ASP A 69 -0.52 2.61 14.34
C ASP A 69 0.76 3.42 14.45
N GLY A 70 0.69 4.74 14.24
CA GLY A 70 1.88 5.58 14.20
C GLY A 70 1.93 6.55 15.36
N VAL A 71 3.15 6.92 15.76
CA VAL A 71 3.34 7.95 16.77
C VAL A 71 4.57 8.75 16.39
N THR A 72 4.40 10.05 16.19
CA THR A 72 5.49 10.95 15.82
C THR A 72 5.60 12.04 16.87
N ALA A 73 6.82 12.29 17.34
CA ALA A 73 7.09 13.28 18.36
C ALA A 73 8.45 13.91 18.11
N LYS A 74 8.74 14.97 18.86
CA LYS A 74 10.00 15.69 18.73
C LYS A 74 10.47 16.12 20.11
N THR A 75 11.75 16.48 20.19
CA THR A 75 12.32 16.95 21.45
C THR A 75 13.62 17.68 21.17
N ASP A 76 13.93 18.66 22.03
CA ASP A 76 15.16 19.41 21.94
C ASP A 76 16.20 18.94 22.95
N ASN A 77 15.87 17.98 23.81
CA ASN A 77 16.80 17.44 24.77
C ASN A 77 17.49 16.21 24.22
N GLU A 78 18.70 15.94 24.73
CA GLU A 78 19.38 14.70 24.38
C GLU A 78 18.55 13.51 24.83
N VAL A 79 18.58 12.44 24.04
CA VAL A 79 17.75 11.26 24.26
C VAL A 79 18.59 10.01 24.08
N ASN A 80 18.31 9.00 24.88
CA ASN A 80 18.91 7.67 24.74
C ASN A 80 18.00 6.86 23.84
N LEU A 81 18.28 6.89 22.54
CA LEU A 81 17.39 6.22 21.58
C LEU A 81 17.32 4.73 21.84
N ASN A 82 18.44 4.11 22.22
CA ASN A 82 18.42 2.68 22.49
C ASN A 82 17.40 2.34 23.58
N PHE A 83 17.40 3.10 24.67
CA PHE A 83 16.39 2.91 25.70
C PHE A 83 15.00 3.20 25.16
N VAL A 84 14.85 4.31 24.42
CA VAL A 84 13.55 4.68 23.88
C VAL A 84 13.02 3.57 22.97
N PHE A 85 13.85 3.07 22.07
CA PHE A 85 13.39 2.06 21.12
C PHE A 85 13.20 0.71 21.81
N ASP A 86 14.10 0.35 22.73
CA ASP A 86 13.92 -0.89 23.48
C ASP A 86 12.60 -0.89 24.23
N LYS A 87 12.18 0.28 24.74
CA LYS A 87 10.86 0.38 25.34
C LYS A 87 9.76 0.15 24.30
N ILE A 88 9.95 0.67 23.09
CA ILE A 88 8.97 0.46 22.03
C ILE A 88 8.86 -1.03 21.71
N LYS A 89 9.99 -1.73 21.63
CA LYS A 89 9.96 -3.17 21.38
C LYS A 89 9.28 -3.91 22.52
N SER A 90 9.39 -3.41 23.75
CA SER A 90 8.72 -4.05 24.87
C SER A 90 7.20 -3.95 24.78
N TYR A 91 6.69 -2.99 24.02
CA TYR A 91 5.26 -2.80 23.86
C TYR A 91 4.66 -3.65 22.75
N SER A 92 5.48 -4.39 22.01
CA SER A 92 4.96 -5.23 20.94
C SER A 92 4.14 -6.38 21.52
N PHE A 93 3.09 -6.76 20.82
CA PHE A 93 2.18 -7.81 21.24
C PHE A 93 1.93 -8.75 20.08
N ASP A 94 1.99 -10.05 20.35
CA ASP A 94 1.70 -11.06 19.33
C ASP A 94 2.69 -10.97 18.16
N ILE A 96 3.20 -8.40 16.46
CA ILE A 96 3.20 -7.04 15.94
C ILE A 96 4.37 -6.26 16.52
N THR A 97 5.30 -5.87 15.66
CA THR A 97 6.47 -5.10 16.05
C THR A 97 6.31 -3.66 15.55
N PHE A 98 7.29 -2.82 15.91
CA PHE A 98 7.27 -1.41 15.55
C PHE A 98 8.64 -0.98 15.08
N SER A 99 8.70 -0.29 13.95
CA SER A 99 9.92 0.33 13.46
C SER A 99 9.80 1.84 13.55
N ALA A 100 10.94 2.52 13.54
CA ALA A 100 10.97 3.95 13.75
C ALA A 100 12.07 4.59 12.93
N GLY A 101 11.93 5.88 12.70
CA GLY A 101 12.97 6.66 12.04
C GLY A 101 13.21 7.95 12.78
N VAL A 102 14.49 8.36 12.81
CA VAL A 102 14.90 9.56 13.54
C VAL A 102 15.57 10.52 12.57
N GLY A 103 15.39 11.81 12.84
CA GLY A 103 16.00 12.84 12.01
C GLY A 103 15.86 14.20 12.66
N ALA A 104 16.47 15.19 12.02
CA ALA A 104 16.41 16.57 12.50
C ALA A 104 15.13 17.30 12.08
N ASN A 105 14.32 16.70 11.22
CA ASN A 105 13.05 17.29 10.81
C ASN A 105 12.10 16.17 10.41
N LEU A 106 10.86 16.55 10.14
CA LEU A 106 9.84 15.57 9.78
C LEU A 106 10.26 14.77 8.54
N ARG A 107 10.82 15.45 7.54
CA ARG A 107 11.19 14.77 6.30
C ARG A 107 12.26 13.72 6.54
N GLU A 108 13.26 14.05 7.37
CA GLU A 108 14.34 13.10 7.63
C GLU A 108 13.87 11.92 8.46
N ALA A 109 13.02 12.17 9.46
CA ALA A 109 12.47 11.08 10.25
C ALA A 109 11.62 10.15 9.38
N TYR A 110 10.87 10.72 8.44
CA TYR A 110 10.04 9.90 7.56
C TYR A 110 10.90 9.02 6.66
N VAL A 111 11.90 9.61 6.01
CA VAL A 111 12.79 8.82 5.15
C VAL A 111 13.49 7.75 5.97
N ALA A 112 13.87 8.07 7.21
CA ALA A 112 14.49 7.07 8.07
C ALA A 112 13.51 5.95 8.40
N LEU A 113 12.24 6.29 8.63
CA LEU A 113 11.23 5.26 8.86
C LEU A 113 11.06 4.37 7.64
N LEU A 114 11.05 4.97 6.44
CA LEU A 114 11.01 4.17 5.22
C LEU A 114 12.19 3.20 5.18
N ASN A 115 13.37 3.64 5.61
CA ASN A 115 14.53 2.77 5.61
C ASN A 115 14.33 1.57 6.51
N SER A 116 13.77 1.79 7.71
CA SER A 116 13.51 0.67 8.61
C SER A 116 12.44 -0.25 8.06
N LYS A 117 11.45 0.30 7.37
CA LYS A 117 10.34 -0.49 6.86
C LYS A 117 10.76 -1.41 5.73
N SER A 118 11.84 -1.11 5.01
CA SER A 118 12.27 -1.89 3.87
C SER A 118 13.57 -2.63 4.12
N ASN A 119 13.98 -2.77 5.38
CA ASN A 119 15.23 -3.43 5.73
C ASN A 119 15.03 -4.36 6.93
N GLY A 120 13.86 -4.99 7.02
CA GLY A 120 13.55 -5.97 8.04
C GLY A 120 12.55 -5.51 9.07
N LYS A 121 12.29 -4.21 9.16
CA LYS A 121 11.34 -3.69 10.15
C LYS A 121 11.76 -4.07 11.56
N ASN A 122 10.95 -3.72 12.56
CA ASN A 122 11.30 -3.95 13.96
C ASN A 122 12.67 -3.35 14.27
N MET A 123 12.93 -2.16 13.70
CA MET A 123 14.24 -1.54 13.82
C MET A 123 14.06 -0.03 13.82
N ILE A 124 15.12 0.67 14.23
CA ILE A 124 15.16 2.12 14.26
C ILE A 124 16.32 2.56 13.38
N SER A 125 16.07 3.56 12.53
CA SER A 125 17.08 4.11 11.64
C SER A 125 17.25 5.59 11.91
N ILE A 126 18.49 6.07 11.80
CA ILE A 126 18.83 7.47 11.96
C ILE A 126 19.22 8.01 10.59
N TYR A 127 18.60 9.13 10.20
CA TYR A 127 18.78 9.65 8.85
C TYR A 127 20.26 9.86 8.53
N LYS A 128 20.99 10.53 9.42
CA LYS A 128 22.40 10.81 9.16
C LYS A 128 23.23 9.53 9.04
N ASP A 129 22.73 8.39 9.51
CA ASP A 129 23.45 7.14 9.36
C ASP A 129 23.12 6.41 8.06
N ILE A 130 22.05 6.80 7.38
CA ILE A 130 21.70 6.16 6.12
C ILE A 130 22.48 6.76 4.95
N LEU A 131 22.90 8.01 5.08
CA LEU A 131 23.68 8.67 4.04
C LEU A 131 25.16 8.32 4.16
N SER B 12 -14.55 -23.90 -14.56
CA SER B 12 -13.51 -22.90 -14.75
C SER B 12 -12.81 -22.58 -13.44
N MET B 13 -11.48 -22.53 -13.48
CA MET B 13 -10.66 -22.27 -12.30
C MET B 13 -9.76 -21.06 -12.57
N TYR B 14 -9.79 -20.10 -11.65
CA TYR B 14 -8.96 -18.91 -11.73
C TYR B 14 -7.92 -18.93 -10.61
N ILE B 15 -6.67 -18.66 -10.96
CA ILE B 15 -5.58 -18.62 -9.99
C ILE B 15 -4.84 -17.30 -10.15
N ALA B 16 -4.60 -16.63 -9.04
CA ALA B 16 -3.89 -15.36 -9.01
C ALA B 16 -2.65 -15.49 -8.14
N ILE B 17 -1.49 -15.15 -8.71
CA ILE B 17 -0.21 -15.28 -8.04
C ILE B 17 0.45 -13.92 -7.98
N ASP B 18 1.14 -13.63 -6.87
CA ASP B 18 1.80 -12.34 -6.71
C ASP B 18 2.98 -12.50 -5.76
N GLY B 19 4.05 -11.76 -6.04
CA GLY B 19 5.23 -11.82 -5.18
C GLY B 19 4.96 -11.26 -3.80
N ASP B 20 5.59 -11.88 -2.81
CA ASP B 20 5.40 -11.51 -1.42
C ASP B 20 6.43 -10.47 -1.02
N ASP B 21 5.97 -9.28 -0.65
CA ASP B 21 6.82 -8.22 -0.12
C ASP B 21 7.96 -7.88 -1.07
N VAL B 22 7.60 -7.71 -2.35
CA VAL B 22 8.60 -7.36 -3.36
C VAL B 22 8.95 -5.88 -3.30
N GLY B 23 7.95 -5.03 -3.06
CA GLY B 23 8.21 -3.59 -3.01
C GLY B 23 9.22 -3.21 -1.95
N ARG B 24 9.32 -4.01 -0.88
CA ARG B 24 10.29 -3.71 0.16
C ARG B 24 11.72 -3.82 -0.35
N LYS B 25 12.02 -4.88 -1.11
CA LYS B 25 13.37 -5.04 -1.65
C LYS B 25 13.69 -3.97 -2.67
N ILE B 26 12.69 -3.52 -3.43
CA ILE B 26 12.92 -2.45 -4.41
C ILE B 26 13.17 -1.13 -3.69
N THR B 27 12.38 -0.84 -2.64
CA THR B 27 12.57 0.39 -1.89
C THR B 27 13.93 0.41 -1.20
N SER B 28 14.39 -0.76 -0.72
CA SER B 28 15.70 -0.84 -0.09
C SER B 28 16.80 -0.47 -1.06
N SER B 29 16.67 -0.89 -2.33
CA SER B 29 17.70 -0.57 -3.33
C SER B 29 17.76 0.93 -3.58
N TYR B 30 16.60 1.59 -3.69
CA TYR B 30 16.59 3.03 -3.89
C TYR B 30 17.24 3.76 -2.72
N LEU B 31 16.82 3.43 -1.49
CA LEU B 31 17.31 4.16 -0.32
C LEU B 31 18.82 4.00 -0.16
N SER B 32 19.37 2.86 -0.53
CA SER B 32 20.80 2.61 -0.41
C SER B 32 21.58 3.00 -1.67
N ASN B 33 20.90 3.56 -2.67
CA ASN B 33 21.55 4.00 -3.91
C ASN B 33 22.35 2.86 -4.55
N SER B 34 21.64 1.77 -4.83
CA SER B 34 22.24 0.56 -5.39
C SER B 34 21.55 0.25 -6.72
N GLU B 35 22.10 0.76 -7.81
CA GLU B 35 21.56 0.46 -9.13
C GLU B 35 21.59 -1.03 -9.42
N GLU B 36 22.61 -1.73 -8.92
CA GLU B 36 22.79 -3.14 -9.24
C GLU B 36 21.68 -3.98 -8.64
N ARG B 37 21.47 -3.86 -7.32
CA ARG B 37 20.42 -4.64 -6.68
C ARG B 37 19.05 -4.30 -7.25
N LEU B 38 18.81 -3.02 -7.56
CA LEU B 38 17.55 -2.64 -8.18
C LEU B 38 17.39 -3.28 -9.56
N THR B 39 18.47 -3.29 -10.34
CA THR B 39 18.43 -3.94 -11.65
C THR B 39 18.33 -5.46 -11.51
N TYR B 40 19.07 -6.03 -10.55
CA TYR B 40 18.98 -7.46 -10.32
C TYR B 40 17.56 -7.88 -9.97
N ILE B 41 16.92 -7.15 -9.06
CA ILE B 41 15.56 -7.50 -8.65
C ILE B 41 14.62 -7.45 -9.84
N SER B 42 14.67 -6.36 -10.62
CA SER B 42 13.78 -6.22 -11.76
C SER B 42 13.94 -7.39 -12.73
N ASN B 43 15.18 -7.71 -13.08
CA ASN B 43 15.42 -8.81 -14.01
C ASN B 43 14.96 -10.15 -13.44
N LYS B 44 15.32 -10.42 -12.18
CA LYS B 44 14.92 -11.69 -11.57
C LYS B 44 13.41 -11.82 -11.51
N LEU B 45 12.70 -10.73 -11.23
CA LEU B 45 11.24 -10.77 -11.18
C LEU B 45 10.66 -11.10 -12.54
N ASN B 46 11.10 -10.38 -13.58
CA ASN B 46 10.61 -10.66 -14.93
C ASN B 46 10.89 -12.10 -15.33
N ASP B 47 12.10 -12.59 -15.05
CA ASP B 47 12.43 -13.97 -15.37
C ASP B 47 11.57 -14.95 -14.59
N THR B 48 11.29 -14.62 -13.32
CA THR B 48 10.46 -15.50 -12.50
C THR B 48 9.02 -15.55 -13.01
N THR B 49 8.44 -14.39 -13.33
CA THR B 49 7.08 -14.37 -13.86
C THR B 49 7.00 -15.12 -15.18
N LYS B 50 8.09 -15.16 -15.95
CA LYS B 50 8.10 -15.96 -17.17
C LYS B 50 8.02 -17.45 -16.84
N LYS B 51 8.82 -17.90 -15.89
CA LYS B 51 8.79 -19.32 -15.50
C LYS B 51 7.40 -19.73 -15.05
N ILE B 52 6.80 -18.94 -14.15
CA ILE B 52 5.47 -19.27 -13.65
C ILE B 52 4.46 -19.30 -14.80
N SER B 53 4.55 -18.32 -15.71
CA SER B 53 3.59 -18.25 -16.81
C SER B 53 3.74 -19.45 -17.74
N LYS B 54 4.98 -19.81 -18.09
CA LYS B 54 5.18 -20.97 -18.95
C LYS B 54 4.89 -22.28 -18.23
N MET B 55 5.00 -22.31 -16.89
CA MET B 55 4.61 -23.49 -16.14
C MET B 55 3.09 -23.66 -16.17
N LEU B 56 2.34 -22.57 -16.01
CA LEU B 56 0.89 -22.64 -16.07
C LEU B 56 0.40 -23.02 -17.46
N LEU B 57 1.09 -22.54 -18.50
CA LEU B 57 0.72 -22.92 -19.86
C LEU B 57 0.90 -24.41 -20.10
N SER B 58 1.96 -24.99 -19.54
CA SER B 58 2.22 -26.42 -19.71
C SER B 58 1.18 -27.27 -18.99
N ASN B 59 0.40 -26.70 -18.08
CA ASN B 59 -0.62 -27.43 -17.33
C ASN B 59 -2.03 -27.00 -17.71
N GLY B 60 -2.23 -26.54 -18.94
CA GLY B 60 -3.56 -26.25 -19.44
C GLY B 60 -4.16 -24.95 -18.97
N PHE B 61 -3.35 -24.01 -18.51
CA PHE B 61 -3.83 -22.72 -18.07
C PHE B 61 -3.78 -21.70 -19.20
N GLU B 62 -4.69 -20.73 -19.14
CA GLU B 62 -4.70 -19.59 -20.06
C GLU B 62 -4.26 -18.36 -19.30
N ILE B 63 -3.21 -17.69 -19.78
CA ILE B 63 -2.64 -16.54 -19.10
C ILE B 63 -3.54 -15.33 -19.32
N ILE B 64 -4.02 -14.76 -18.23
CA ILE B 64 -4.87 -13.57 -18.28
C ILE B 64 -4.09 -12.30 -17.99
N PHE B 65 -3.11 -12.39 -17.08
CA PHE B 65 -2.36 -11.23 -16.62
C PHE B 65 -0.94 -11.65 -16.32
N GLN B 66 0.03 -10.90 -16.85
CA GLN B 66 1.45 -11.17 -16.59
C GLN B 66 2.18 -9.82 -16.59
N ALA B 67 2.34 -9.24 -15.41
CA ALA B 67 3.02 -7.97 -15.26
C ALA B 67 3.45 -7.82 -13.80
N ALA B 68 4.45 -6.98 -13.59
CA ALA B 68 4.97 -6.70 -12.25
C ALA B 68 5.42 -8.03 -11.64
N ASP B 69 4.93 -8.41 -10.47
CA ASP B 69 5.32 -9.66 -9.81
C ASP B 69 4.14 -10.60 -9.65
N GLY B 70 3.19 -10.55 -10.60
CA GLY B 70 2.00 -11.37 -10.51
C GLY B 70 1.69 -12.03 -11.84
N VAL B 71 0.94 -13.13 -11.75
CA VAL B 71 0.49 -13.87 -12.93
C VAL B 71 -0.88 -14.44 -12.62
N THR B 72 -1.86 -14.15 -13.48
CA THR B 72 -3.21 -14.65 -13.34
C THR B 72 -3.55 -15.51 -14.55
N ALA B 73 -4.15 -16.67 -14.32
CA ALA B 73 -4.48 -17.59 -15.39
C ALA B 73 -5.79 -18.31 -15.05
N LYS B 74 -6.35 -18.95 -16.07
CA LYS B 74 -7.59 -19.72 -15.92
C LYS B 74 -7.46 -21.03 -16.67
N THR B 75 -8.36 -21.96 -16.35
CA THR B 75 -8.35 -23.26 -17.01
C THR B 75 -9.64 -23.99 -16.65
N ASP B 76 -10.15 -24.79 -17.59
CA ASP B 76 -11.28 -25.67 -17.36
C ASP B 76 -10.87 -27.13 -17.22
N ASN B 77 -9.59 -27.44 -17.37
CA ASN B 77 -9.13 -28.81 -17.24
C ASN B 77 -8.84 -29.14 -15.78
N GLU B 78 -8.72 -30.43 -15.49
CA GLU B 78 -8.35 -30.87 -14.15
C GLU B 78 -6.91 -30.46 -13.86
N VAL B 79 -6.68 -29.95 -12.66
CA VAL B 79 -5.37 -29.44 -12.26
C VAL B 79 -5.06 -29.90 -10.85
N ASN B 80 -3.79 -30.20 -10.60
CA ASN B 80 -3.31 -30.55 -9.26
C ASN B 80 -2.73 -29.28 -8.63
N LEU B 81 -3.54 -28.60 -7.83
CA LEU B 81 -3.09 -27.38 -7.18
C LEU B 81 -1.84 -27.62 -6.34
N ASN B 82 -1.76 -28.78 -5.70
CA ASN B 82 -0.57 -29.11 -4.92
C ASN B 82 0.68 -29.10 -5.80
N PHE B 83 0.58 -29.71 -6.99
CA PHE B 83 1.72 -29.71 -7.91
C PHE B 83 1.96 -28.33 -8.48
N VAL B 84 0.89 -27.60 -8.81
CA VAL B 84 1.04 -26.26 -9.39
C VAL B 84 1.72 -25.33 -8.40
N PHE B 85 1.16 -25.22 -7.20
CA PHE B 85 1.74 -24.32 -6.22
C PHE B 85 3.12 -24.80 -5.76
N ASP B 86 3.34 -26.12 -5.76
CA ASP B 86 4.68 -26.63 -5.46
C ASP B 86 5.70 -26.10 -6.45
N LYS B 87 5.32 -26.03 -7.73
CA LYS B 87 6.20 -25.44 -8.73
C LYS B 87 6.41 -23.95 -8.46
N ILE B 88 5.35 -23.24 -8.07
CA ILE B 88 5.47 -21.82 -7.75
C ILE B 88 6.51 -21.61 -6.66
N LYS B 89 6.39 -22.36 -5.56
CA LYS B 89 7.35 -22.23 -4.46
C LYS B 89 8.78 -22.53 -4.91
N SER B 90 8.94 -23.42 -5.88
CA SER B 90 10.26 -23.76 -6.39
C SER B 90 10.89 -22.64 -7.21
N TYR B 91 10.11 -21.62 -7.57
CA TYR B 91 10.60 -20.51 -8.39
C TYR B 91 11.02 -19.31 -7.55
N SER B 92 10.83 -19.35 -6.23
CA SER B 92 11.24 -18.24 -5.40
C SER B 92 12.77 -18.08 -5.41
N PHE B 93 13.20 -16.82 -5.35
CA PHE B 93 14.62 -16.46 -5.29
C PHE B 93 14.85 -15.50 -4.12
N ASP B 94 16.06 -15.55 -3.54
CA ASP B 94 16.45 -14.81 -2.34
C ASP B 94 15.42 -15.09 -1.24
N GLU B 95 14.73 -14.10 -0.67
CA GLU B 95 13.68 -14.38 0.32
C GLU B 95 12.31 -13.93 -0.19
N ILE B 96 12.17 -13.83 -1.51
CA ILE B 96 10.93 -13.44 -2.17
C ILE B 96 10.15 -14.72 -2.47
N THR B 97 9.00 -14.88 -1.82
CA THR B 97 8.11 -16.00 -2.05
C THR B 97 6.90 -15.52 -2.84
N PHE B 98 5.99 -16.43 -3.14
CA PHE B 98 4.80 -16.12 -3.92
C PHE B 98 3.58 -16.70 -3.23
N SER B 99 2.51 -15.90 -3.17
CA SER B 99 1.23 -16.36 -2.68
C SER B 99 0.27 -16.55 -3.85
N ALA B 100 -0.75 -17.36 -3.62
CA ALA B 100 -1.69 -17.70 -4.68
C ALA B 100 -3.09 -17.82 -4.10
N GLY B 101 -4.08 -17.52 -4.94
CA GLY B 101 -5.48 -17.66 -4.60
C GLY B 101 -6.26 -18.27 -5.73
N VAL B 102 -7.11 -19.23 -5.41
CA VAL B 102 -7.90 -19.96 -6.40
C VAL B 102 -9.37 -19.68 -6.15
N GLY B 103 -10.14 -19.61 -7.22
CA GLY B 103 -11.57 -19.39 -7.11
C GLY B 103 -12.26 -19.69 -8.42
N ALA B 104 -13.59 -19.62 -8.38
CA ALA B 104 -14.40 -19.90 -9.56
C ALA B 104 -14.41 -18.75 -10.56
N ASN B 105 -14.11 -17.53 -10.12
CA ASN B 105 -14.07 -16.36 -10.99
C ASN B 105 -12.91 -15.47 -10.57
N LEU B 106 -12.77 -14.33 -11.25
CA LEU B 106 -11.69 -13.41 -10.92
C LEU B 106 -11.82 -12.88 -9.50
N ARG B 107 -13.04 -12.54 -9.08
CA ARG B 107 -13.24 -11.99 -7.74
C ARG B 107 -12.78 -12.98 -6.67
N GLU B 108 -13.27 -14.21 -6.74
CA GLU B 108 -12.91 -15.20 -5.73
C GLU B 108 -11.41 -15.45 -5.71
N ALA B 109 -10.78 -15.51 -6.89
CA ALA B 109 -9.33 -15.69 -6.94
C ALA B 109 -8.62 -14.53 -6.27
N TYR B 110 -9.08 -13.31 -6.51
CA TYR B 110 -8.47 -12.14 -5.89
C TYR B 110 -8.69 -12.13 -4.38
N VAL B 111 -9.93 -12.42 -3.96
CA VAL B 111 -10.21 -12.49 -2.52
C VAL B 111 -9.39 -13.60 -1.87
N ALA B 112 -9.23 -14.72 -2.58
CA ALA B 112 -8.41 -15.81 -2.05
C ALA B 112 -6.95 -15.38 -1.94
N LEU B 113 -6.46 -14.59 -2.90
CA LEU B 113 -5.10 -14.09 -2.81
C LEU B 113 -4.92 -13.17 -1.61
N LEU B 114 -5.90 -12.31 -1.36
CA LEU B 114 -5.87 -11.46 -0.16
C LEU B 114 -5.76 -12.31 1.10
N ASN B 115 -6.53 -13.40 1.16
CA ASN B 115 -6.49 -14.26 2.34
C ASN B 115 -5.10 -14.84 2.56
N SER B 116 -4.43 -15.23 1.47
CA SER B 116 -3.08 -15.76 1.60
C SER B 116 -2.11 -14.71 2.11
N LYS B 117 -2.08 -13.55 1.45
CA LYS B 117 -1.14 -12.50 1.82
C LYS B 117 -1.42 -11.89 3.18
N SER B 118 -2.55 -12.21 3.81
CA SER B 118 -2.87 -11.70 5.14
C SER B 118 -2.80 -12.77 6.22
N ASN B 119 -2.36 -13.99 5.88
CA ASN B 119 -2.28 -15.09 6.84
C ASN B 119 -0.91 -15.78 6.78
N GLY B 120 0.13 -15.06 6.37
CA GLY B 120 1.48 -15.57 6.38
C GLY B 120 2.19 -15.51 5.04
N LYS B 121 1.47 -15.39 3.94
CA LYS B 121 2.09 -15.37 2.62
C LYS B 121 2.75 -16.71 2.31
N ASN B 122 3.38 -16.81 1.14
CA ASN B 122 4.02 -18.06 0.71
C ASN B 122 3.06 -19.24 0.87
N MET B 123 1.82 -19.04 0.47
CA MET B 123 0.77 -20.04 0.64
C MET B 123 -0.24 -19.88 -0.49
N ILE B 124 -1.12 -20.87 -0.59
CA ILE B 124 -2.21 -20.86 -1.56
C ILE B 124 -3.52 -20.95 -0.79
N SER B 125 -4.50 -20.17 -1.24
CA SER B 125 -5.82 -20.12 -0.60
C SER B 125 -6.89 -20.40 -1.65
N ILE B 126 -7.75 -21.37 -1.35
CA ILE B 126 -8.89 -21.70 -2.20
C ILE B 126 -10.11 -20.98 -1.65
N TYR B 127 -10.81 -20.26 -2.52
CA TYR B 127 -11.90 -19.39 -2.06
C TYR B 127 -12.93 -20.17 -1.26
N LYS B 128 -13.27 -21.38 -1.70
CA LYS B 128 -14.28 -22.18 -1.01
C LYS B 128 -13.88 -22.46 0.43
N ASP B 129 -12.58 -22.65 0.67
CA ASP B 129 -12.09 -22.94 2.02
C ASP B 129 -12.06 -21.72 2.92
N ILE B 130 -12.33 -20.53 2.39
CA ILE B 130 -12.36 -19.34 3.21
C ILE B 130 -13.72 -19.12 3.87
N LEU B 131 -14.80 -19.52 3.20
CA LEU B 131 -16.15 -19.32 3.73
C LEU B 131 -16.35 -20.10 5.03
N GLY C 11 26.71 16.14 -13.02
CA GLY C 11 26.92 14.72 -12.82
C GLY C 11 25.78 13.87 -13.33
N SER C 12 25.66 12.66 -12.79
CA SER C 12 24.60 11.74 -13.20
C SER C 12 23.28 12.12 -12.54
N MET C 13 22.25 12.30 -13.36
CA MET C 13 20.90 12.58 -12.88
C MET C 13 20.05 11.33 -13.02
N TYR C 14 19.20 11.09 -12.02
CA TYR C 14 18.34 9.92 -11.99
C TYR C 14 16.88 10.35 -12.06
N ILE C 15 16.05 9.50 -12.63
CA ILE C 15 14.62 9.75 -12.77
C ILE C 15 13.87 8.46 -12.53
N ALA C 16 12.84 8.51 -11.69
CA ALA C 16 12.01 7.36 -11.36
C ALA C 16 10.59 7.65 -11.82
N ILE C 17 10.10 6.89 -12.78
CA ILE C 17 8.77 7.06 -13.34
C ILE C 17 7.90 5.89 -12.88
N ASP C 18 6.69 6.18 -12.42
CA ASP C 18 5.77 5.15 -11.96
C ASP C 18 4.35 5.57 -12.26
N GLY C 19 3.52 4.59 -12.61
CA GLY C 19 2.13 4.87 -12.92
C GLY C 19 1.34 5.27 -11.68
N ASP C 20 0.33 6.11 -11.90
CA ASP C 20 -0.49 6.63 -10.82
C ASP C 20 -1.70 5.73 -10.62
N ASP C 21 -1.87 5.22 -9.39
CA ASP C 21 -3.03 4.42 -9.01
C ASP C 21 -3.25 3.27 -9.99
N VAL C 22 -2.17 2.54 -10.28
CA VAL C 22 -2.29 1.46 -11.26
C VAL C 22 -3.05 0.29 -10.67
N GLY C 23 -2.75 -0.07 -9.42
CA GLY C 23 -3.42 -1.19 -8.78
C GLY C 23 -4.91 -1.01 -8.61
N ARG C 24 -5.39 0.24 -8.54
CA ARG C 24 -6.81 0.46 -8.35
C ARG C 24 -7.61 0.03 -9.57
N LYS C 25 -7.12 0.34 -10.78
CA LYS C 25 -7.77 -0.17 -11.98
C LYS C 25 -7.70 -1.69 -12.05
N ILE C 26 -6.57 -2.26 -11.63
CA ILE C 26 -6.42 -3.72 -11.67
C ILE C 26 -7.39 -4.37 -10.69
N THR C 27 -7.40 -3.90 -9.44
CA THR C 27 -8.31 -4.46 -8.44
C THR C 27 -9.76 -4.31 -8.88
N SER C 28 -10.09 -3.19 -9.52
CA SER C 28 -11.45 -3.01 -10.04
C SER C 28 -11.78 -4.10 -11.07
N SER C 29 -10.81 -4.48 -11.90
CA SER C 29 -11.06 -5.53 -12.88
C SER C 29 -11.31 -6.87 -12.20
N TYR C 30 -10.53 -7.20 -11.17
CA TYR C 30 -10.76 -8.44 -10.43
C TYR C 30 -12.16 -8.46 -9.83
N LEU C 31 -12.50 -7.43 -9.05
CA LEU C 31 -13.77 -7.41 -8.33
C LEU C 31 -14.96 -7.43 -9.27
N SER C 32 -14.79 -7.02 -10.53
CA SER C 32 -15.87 -7.00 -11.51
C SER C 32 -15.82 -8.18 -12.46
N ASN C 33 -14.87 -9.10 -12.30
CA ASN C 33 -14.75 -10.27 -13.16
C ASN C 33 -14.62 -9.88 -14.63
N SER C 34 -13.82 -8.84 -14.89
CA SER C 34 -13.64 -8.30 -16.24
C SER C 34 -12.26 -8.71 -16.74
N GLU C 35 -12.18 -9.89 -17.37
CA GLU C 35 -10.93 -10.32 -17.98
C GLU C 35 -10.52 -9.40 -19.11
N GLU C 36 -11.50 -8.84 -19.84
CA GLU C 36 -11.22 -7.87 -20.87
C GLU C 36 -10.41 -6.70 -20.33
N ARG C 37 -10.93 -6.02 -19.30
CA ARG C 37 -10.25 -4.86 -18.75
C ARG C 37 -8.94 -5.24 -18.09
N LEU C 38 -8.83 -6.47 -17.57
CA LEU C 38 -7.62 -6.89 -16.89
C LEU C 38 -6.48 -7.12 -17.88
N THR C 39 -6.68 -8.01 -18.86
CA THR C 39 -5.65 -8.26 -19.85
C THR C 39 -5.30 -6.98 -20.63
N TYR C 40 -6.27 -6.09 -20.83
CA TYR C 40 -5.99 -4.83 -21.50
C TYR C 40 -4.99 -4.00 -20.71
N ILE C 41 -5.26 -3.80 -19.41
CA ILE C 41 -4.35 -3.04 -18.57
C ILE C 41 -2.96 -3.68 -18.57
N SER C 42 -2.91 -5.01 -18.46
CA SER C 42 -1.62 -5.70 -18.44
C SER C 42 -0.83 -5.44 -19.71
N ASN C 43 -1.47 -5.62 -20.87
CA ASN C 43 -0.78 -5.43 -22.14
C ASN C 43 -0.38 -3.97 -22.34
N LYS C 44 -1.33 -3.04 -22.10
CA LYS C 44 -1.04 -1.63 -22.33
C LYS C 44 0.02 -1.10 -21.36
N LEU C 45 0.11 -1.69 -20.17
CA LEU C 45 1.16 -1.30 -19.23
C LEU C 45 2.54 -1.67 -19.76
N ASN C 46 2.69 -2.90 -20.24
CA ASN C 46 3.97 -3.33 -20.80
C ASN C 46 4.35 -2.48 -22.01
N ASP C 47 3.37 -2.16 -22.86
CA ASP C 47 3.64 -1.32 -24.02
C ASP C 47 4.02 0.10 -23.62
N THR C 48 3.40 0.62 -22.56
CA THR C 48 3.67 2.00 -22.15
C THR C 48 5.07 2.14 -21.56
N THR C 49 5.47 1.19 -20.70
CA THR C 49 6.81 1.27 -20.13
C THR C 49 7.89 1.03 -21.18
N LYS C 50 7.57 0.25 -22.22
CA LYS C 50 8.54 0.06 -23.30
C LYS C 50 8.73 1.34 -24.11
N LYS C 51 7.64 2.10 -24.30
CA LYS C 51 7.76 3.38 -25.00
C LYS C 51 8.45 4.43 -24.14
N ILE C 52 8.30 4.33 -22.80
CA ILE C 52 8.95 5.28 -21.91
C ILE C 52 10.45 5.05 -21.91
N SER C 53 10.87 3.79 -21.81
CA SER C 53 12.30 3.48 -21.85
C SER C 53 12.89 3.79 -23.21
N LYS C 54 12.21 3.39 -24.28
CA LYS C 54 12.66 3.71 -25.63
C LYS C 54 12.90 5.21 -25.77
N MET C 55 11.94 6.02 -25.34
CA MET C 55 12.12 7.47 -25.38
C MET C 55 13.30 7.90 -24.52
N LEU C 56 13.48 7.26 -23.37
CA LEU C 56 14.60 7.60 -22.49
C LEU C 56 15.93 7.25 -23.13
N LEU C 57 16.03 6.07 -23.74
CA LEU C 57 17.26 5.69 -24.42
C LEU C 57 17.61 6.67 -25.53
N SER C 58 16.59 7.18 -26.23
CA SER C 58 16.82 8.11 -27.33
C SER C 58 17.29 9.48 -26.87
N ASN C 59 17.18 9.79 -25.57
CA ASN C 59 17.58 11.08 -25.04
C ASN C 59 18.80 10.98 -24.13
N GLY C 60 19.58 9.91 -24.28
CA GLY C 60 20.82 9.78 -23.52
C GLY C 60 20.68 9.21 -22.13
N PHE C 61 19.64 8.43 -21.87
CA PHE C 61 19.44 7.81 -20.56
C PHE C 61 19.87 6.35 -20.59
N GLU C 62 20.23 5.84 -19.41
CA GLU C 62 20.54 4.43 -19.21
C GLU C 62 19.44 3.82 -18.35
N ILE C 63 18.79 2.78 -18.87
CA ILE C 63 17.65 2.17 -18.19
C ILE C 63 18.17 1.32 -17.04
N ILE C 64 17.72 1.63 -15.83
CA ILE C 64 18.13 0.91 -14.63
C ILE C 64 17.05 -0.09 -14.24
N PHE C 65 15.80 0.23 -14.55
CA PHE C 65 14.67 -0.59 -14.12
C PHE C 65 13.51 -0.35 -15.08
N GLN C 66 12.91 -1.45 -15.57
CA GLN C 66 11.73 -1.36 -16.44
C GLN C 66 10.88 -2.61 -16.19
N ALA C 67 10.04 -2.53 -15.16
CA ALA C 67 9.15 -3.62 -14.82
C ALA C 67 7.90 -3.05 -14.14
N ALA C 68 6.86 -3.89 -14.07
CA ALA C 68 5.59 -3.51 -13.47
C ALA C 68 5.08 -2.26 -14.19
N ASP C 69 4.78 -1.16 -13.49
CA ASP C 69 4.34 0.07 -14.13
C ASP C 69 5.36 1.20 -14.03
N GLY C 70 6.61 0.89 -13.70
CA GLY C 70 7.59 1.93 -13.50
C GLY C 70 8.81 1.83 -14.38
N VAL C 71 9.53 2.93 -14.55
CA VAL C 71 10.78 2.93 -15.30
C VAL C 71 11.75 3.87 -14.62
N THR C 72 12.94 3.37 -14.29
CA THR C 72 13.98 4.16 -13.66
C THR C 72 15.23 4.15 -14.52
N ALA C 73 15.85 5.31 -14.65
CA ALA C 73 17.01 5.48 -15.51
C ALA C 73 17.88 6.61 -14.97
N LYS C 74 19.07 6.75 -15.56
CA LYS C 74 19.99 7.80 -15.18
C LYS C 74 20.71 8.31 -16.44
N THR C 75 21.19 9.55 -16.36
CA THR C 75 21.86 10.17 -17.48
C THR C 75 22.92 11.14 -16.96
N ASP C 76 24.07 11.16 -17.63
CA ASP C 76 25.13 12.10 -17.35
C ASP C 76 25.04 13.36 -18.21
N ASN C 77 24.00 13.49 -19.04
CA ASN C 77 23.83 14.64 -19.93
C ASN C 77 22.76 15.62 -19.45
N VAL C 79 19.54 17.53 -20.29
CA VAL C 79 18.20 17.01 -20.48
C VAL C 79 17.15 18.05 -20.10
N ASN C 80 16.11 18.15 -20.94
CA ASN C 80 14.98 19.04 -20.66
C ASN C 80 13.88 18.22 -20.01
N LEU C 81 13.57 18.53 -18.75
CA LEU C 81 12.62 17.73 -18.00
C LEU C 81 11.20 17.89 -18.51
N ASN C 82 10.82 19.12 -18.90
CA ASN C 82 9.50 19.33 -19.47
C ASN C 82 9.30 18.51 -20.73
N PHE C 83 10.36 18.37 -21.53
CA PHE C 83 10.28 17.52 -22.72
C PHE C 83 10.10 16.06 -22.35
N VAL C 84 10.95 15.56 -21.46
CA VAL C 84 10.89 14.14 -21.10
C VAL C 84 9.57 13.81 -20.41
N PHE C 85 9.09 14.70 -19.54
CA PHE C 85 7.86 14.40 -18.81
C PHE C 85 6.63 14.50 -19.71
N ASP C 86 6.62 15.46 -20.64
CA ASP C 86 5.53 15.52 -21.60
C ASP C 86 5.47 14.26 -22.45
N LYS C 87 6.63 13.77 -22.90
CA LYS C 87 6.68 12.51 -23.60
C LYS C 87 6.09 11.39 -22.75
N ILE C 88 6.45 11.35 -21.46
CA ILE C 88 5.90 10.35 -20.56
C ILE C 88 4.39 10.52 -20.42
N LYS C 89 3.95 11.77 -20.25
CA LYS C 89 2.53 12.02 -20.07
C LYS C 89 1.73 11.81 -21.36
N SER C 90 2.39 11.89 -22.53
CA SER C 90 1.71 11.57 -23.77
C SER C 90 1.45 10.07 -23.91
N TYR C 91 2.19 9.25 -23.17
CA TYR C 91 2.00 7.80 -23.20
C TYR C 91 0.89 7.33 -22.25
N SER C 92 0.32 8.23 -21.48
CA SER C 92 -0.78 7.87 -20.59
C SER C 92 -1.94 7.28 -21.40
N PHE C 93 -2.56 6.25 -20.83
CA PHE C 93 -3.65 5.55 -21.50
C PHE C 93 -4.83 5.39 -20.56
N ASP C 94 -6.03 5.59 -21.09
CA ASP C 94 -7.27 5.46 -20.31
C ASP C 94 -7.16 6.39 -19.10
N GLU C 95 -7.50 5.95 -17.90
CA GLU C 95 -7.44 6.78 -16.70
C GLU C 95 -6.14 6.59 -15.93
N ILE C 96 -5.04 6.33 -16.62
CA ILE C 96 -3.76 6.02 -16.00
C ILE C 96 -2.75 7.10 -16.39
N THR C 97 -2.26 7.83 -15.40
CA THR C 97 -1.23 8.83 -15.57
C THR C 97 0.06 8.35 -14.91
N PHE C 98 1.12 9.16 -15.06
CA PHE C 98 2.44 8.82 -14.54
C PHE C 98 3.01 9.99 -13.75
N SER C 99 3.71 9.66 -12.67
CA SER C 99 4.45 10.63 -11.88
C SER C 99 5.94 10.33 -11.97
N ALA C 100 6.75 11.35 -11.80
CA ALA C 100 8.20 11.23 -11.97
C ALA C 100 8.92 11.85 -10.78
N GLY C 101 10.11 11.33 -10.51
CA GLY C 101 10.98 11.88 -9.49
C GLY C 101 12.41 11.97 -9.98
N VAL C 102 13.06 13.11 -9.72
CA VAL C 102 14.42 13.37 -10.20
C VAL C 102 15.31 13.69 -9.01
N GLY C 103 16.57 13.24 -9.09
CA GLY C 103 17.53 13.52 -8.05
C GLY C 103 18.93 13.18 -8.52
N ALA C 104 19.90 13.54 -7.68
CA ALA C 104 21.30 13.25 -7.99
C ALA C 104 21.66 11.79 -7.75
N ASN C 105 20.81 11.02 -7.10
CA ASN C 105 21.03 9.60 -6.89
C ASN C 105 19.68 8.90 -6.82
N LEU C 106 19.73 7.59 -6.60
CA LEU C 106 18.50 6.80 -6.53
C LEU C 106 17.64 7.24 -5.35
N ARG C 107 18.27 7.51 -4.20
CA ARG C 107 17.50 7.90 -3.02
C ARG C 107 16.73 9.20 -3.27
N GLU C 108 17.41 10.21 -3.81
CA GLU C 108 16.75 11.49 -4.05
C GLU C 108 15.64 11.35 -5.08
N ALA C 109 15.90 10.61 -6.17
CA ALA C 109 14.86 10.39 -7.16
C ALA C 109 13.66 9.66 -6.56
N TYR C 110 13.92 8.73 -5.64
CA TYR C 110 12.82 8.01 -5.01
C TYR C 110 11.99 8.94 -4.13
N VAL C 111 12.63 9.69 -3.25
CA VAL C 111 11.89 10.61 -2.39
C VAL C 111 11.14 11.65 -3.21
N ALA C 112 11.71 12.05 -4.35
CA ALA C 112 11.01 12.99 -5.22
C ALA C 112 9.77 12.33 -5.83
N LEU C 113 9.86 11.04 -6.16
CA LEU C 113 8.69 10.33 -6.64
C LEU C 113 7.62 10.26 -5.56
N LEU C 114 8.02 9.93 -4.33
CA LEU C 114 7.07 9.96 -3.21
C LEU C 114 6.42 11.33 -3.08
N ASN C 115 7.19 12.39 -3.32
CA ASN C 115 6.63 13.73 -3.24
C ASN C 115 5.57 13.95 -4.29
N SER C 116 5.83 13.51 -5.53
CA SER C 116 4.88 13.71 -6.61
C SER C 116 3.58 12.96 -6.36
N LYS C 117 3.67 11.77 -5.77
CA LYS C 117 2.48 10.95 -5.56
C LYS C 117 1.70 11.34 -4.32
N SER C 118 2.29 12.13 -3.42
CA SER C 118 1.60 12.57 -2.21
C SER C 118 0.94 13.94 -2.36
N ASN C 119 1.43 14.78 -3.27
CA ASN C 119 0.83 16.07 -3.55
C ASN C 119 0.14 16.01 -4.91
N GLY C 120 -0.99 15.31 -4.95
CA GLY C 120 -1.62 15.04 -6.21
C GLY C 120 -0.85 13.97 -6.97
N LYS C 121 -1.08 13.92 -8.28
CA LYS C 121 -0.37 12.98 -9.13
C LYS C 121 -0.30 13.55 -10.55
N ASN C 122 0.30 12.78 -11.45
CA ASN C 122 0.54 13.22 -12.82
C ASN C 122 1.50 14.40 -12.85
N MET C 123 2.42 14.46 -11.89
CA MET C 123 3.39 15.52 -11.78
C MET C 123 4.79 14.93 -11.67
N ILE C 124 5.79 15.81 -11.79
CA ILE C 124 7.19 15.44 -11.65
C ILE C 124 7.82 16.37 -10.63
N SER C 125 8.60 15.80 -9.72
CA SER C 125 9.26 16.56 -8.67
C SER C 125 10.77 16.42 -8.78
N ILE C 126 11.47 17.49 -8.41
CA ILE C 126 12.93 17.51 -8.34
C ILE C 126 13.32 17.60 -6.87
N TYR C 127 14.18 16.67 -6.42
CA TYR C 127 14.50 16.58 -5.00
C TYR C 127 14.97 17.91 -4.44
N LYS C 128 15.85 18.61 -5.15
CA LYS C 128 16.38 19.87 -4.65
C LYS C 128 15.30 20.94 -4.50
N ASP C 129 14.14 20.75 -5.12
CA ASP C 129 13.04 21.70 -5.00
C ASP C 129 12.12 21.40 -3.82
N ILE C 130 12.29 20.25 -3.16
CA ILE C 130 11.46 19.94 -1.99
C ILE C 130 12.12 20.37 -0.68
N LEU C 131 13.43 20.49 -0.64
CA LEU C 131 14.13 20.88 0.58
C LEU C 131 13.67 22.25 1.08
N SER D 12 -26.90 -7.78 11.54
CA SER D 12 -27.17 -8.47 10.27
C SER D 12 -26.59 -7.70 9.09
N MET D 13 -26.36 -6.41 9.30
CA MET D 13 -25.79 -5.54 8.26
C MET D 13 -24.50 -4.92 8.80
N TYR D 14 -23.41 -5.12 8.08
CA TYR D 14 -22.10 -4.61 8.45
C TYR D 14 -21.69 -3.49 7.52
N ILE D 15 -21.13 -2.42 8.09
CA ILE D 15 -20.65 -1.27 7.32
C ILE D 15 -19.19 -1.04 7.68
N ALA D 16 -18.36 -0.84 6.66
CA ALA D 16 -16.94 -0.60 6.83
C ALA D 16 -16.60 0.74 6.19
N ILE D 17 -16.38 1.75 7.02
CA ILE D 17 -16.07 3.11 6.57
C ILE D 17 -14.57 3.34 6.73
N ASP D 18 -13.96 3.99 5.73
CA ASP D 18 -12.53 4.25 5.76
C ASP D 18 -12.24 5.51 4.96
N GLY D 19 -11.19 6.23 5.38
CA GLY D 19 -10.80 7.43 4.70
C GLY D 19 -10.07 7.15 3.40
N ASP D 20 -10.24 8.07 2.44
CA ASP D 20 -9.67 7.91 1.11
C ASP D 20 -8.32 8.62 1.04
N ASP D 21 -7.27 7.86 0.72
CA ASP D 21 -5.95 8.42 0.46
C ASP D 21 -5.43 9.23 1.64
N VAL D 22 -5.59 8.69 2.84
CA VAL D 22 -5.13 9.40 4.03
C VAL D 22 -3.61 9.39 4.11
N GLY D 23 -2.99 8.25 3.83
CA GLY D 23 -1.54 8.17 3.92
C GLY D 23 -0.82 9.14 3.02
N ARG D 24 -1.41 9.48 1.88
CA ARG D 24 -0.79 10.44 0.97
C ARG D 24 -0.71 11.82 1.58
N LYS D 25 -1.78 12.26 2.24
CA LYS D 25 -1.78 13.58 2.85
C LYS D 25 -0.89 13.63 4.09
N ILE D 26 -0.69 12.49 4.75
CA ILE D 26 0.27 12.44 5.85
C ILE D 26 1.69 12.49 5.31
N THR D 27 1.96 11.75 4.24
CA THR D 27 3.31 11.75 3.66
C THR D 27 3.69 13.14 3.16
N SER D 28 2.73 13.85 2.55
CA SER D 28 3.00 15.22 2.10
C SER D 28 3.43 16.11 3.25
N SER D 29 2.79 15.95 4.42
CA SER D 29 3.16 16.75 5.58
C SER D 29 4.57 16.42 6.04
N TYR D 30 4.97 15.15 5.97
CA TYR D 30 6.33 14.77 6.33
C TYR D 30 7.34 15.36 5.37
N LEU D 31 7.17 15.11 4.07
CA LEU D 31 8.17 15.54 3.10
C LEU D 31 8.32 17.05 3.08
N SER D 32 7.27 17.79 3.42
CA SER D 32 7.31 19.25 3.43
C SER D 32 7.62 19.83 4.80
N ASN D 33 7.83 18.97 5.81
CA ASN D 33 8.13 19.44 7.17
C ASN D 33 7.00 20.31 7.71
N SER D 34 5.76 19.87 7.49
CA SER D 34 4.58 20.62 7.90
C SER D 34 4.02 20.01 9.18
N GLU D 35 4.61 20.41 10.32
CA GLU D 35 4.15 19.92 11.61
C GLU D 35 2.69 20.25 11.84
N GLU D 36 2.32 21.52 11.63
CA GLU D 36 0.95 21.95 11.93
C GLU D 36 -0.06 21.12 11.14
N ARG D 37 0.18 20.91 9.85
CA ARG D 37 -0.75 20.12 9.05
C ARG D 37 -0.79 18.68 9.51
N LEU D 38 0.37 18.11 9.85
CA LEU D 38 0.41 16.73 10.31
C LEU D 38 -0.36 16.57 11.62
N THR D 39 -0.14 17.49 12.56
CA THR D 39 -0.89 17.44 13.82
C THR D 39 -2.38 17.61 13.58
N TYR D 40 -2.76 18.53 12.68
CA TYR D 40 -4.17 18.73 12.37
C TYR D 40 -4.78 17.47 11.78
N ILE D 41 -4.07 16.81 10.87
CA ILE D 41 -4.59 15.57 10.29
C ILE D 41 -4.83 14.54 11.39
N SER D 42 -3.91 14.44 12.35
CA SER D 42 -4.08 13.50 13.44
C SER D 42 -5.29 13.87 14.30
N ASN D 43 -5.36 15.15 14.72
CA ASN D 43 -6.50 15.58 15.53
C ASN D 43 -7.80 15.43 14.76
N LYS D 44 -7.87 15.97 13.54
CA LYS D 44 -9.11 15.94 12.79
C LYS D 44 -9.53 14.51 12.47
N LEU D 45 -8.56 13.64 12.18
CA LEU D 45 -8.89 12.26 11.88
C LEU D 45 -9.53 11.57 13.09
N ASN D 46 -8.98 11.80 14.28
CA ASN D 46 -9.54 11.18 15.48
C ASN D 46 -10.92 11.75 15.79
N ASP D 47 -11.12 13.05 15.57
CA ASP D 47 -12.44 13.63 15.82
C ASP D 47 -13.46 13.16 14.79
N THR D 48 -13.05 13.04 13.53
CA THR D 48 -14.00 12.62 12.49
C THR D 48 -14.49 11.20 12.75
N THR D 49 -13.58 10.29 13.08
CA THR D 49 -14.00 8.92 13.38
C THR D 49 -14.92 8.89 14.60
N LYS D 50 -14.65 9.74 15.60
CA LYS D 50 -15.57 9.85 16.73
C LYS D 50 -16.95 10.31 16.27
N LYS D 51 -16.98 11.35 15.43
CA LYS D 51 -18.27 11.82 14.89
C LYS D 51 -18.99 10.71 14.13
N ILE D 52 -18.24 9.89 13.40
CA ILE D 52 -18.85 8.83 12.62
C ILE D 52 -19.48 7.78 13.54
N SER D 53 -18.81 7.45 14.64
CA SER D 53 -19.33 6.43 15.55
C SER D 53 -20.61 6.91 16.20
N LYS D 54 -20.59 8.09 16.82
CA LYS D 54 -21.79 8.60 17.49
C LYS D 54 -22.96 8.70 16.53
N MET D 55 -22.70 9.12 15.29
CA MET D 55 -23.75 9.15 14.29
C MET D 55 -24.29 7.75 14.03
N LEU D 56 -23.40 6.76 13.97
CA LEU D 56 -23.84 5.38 13.79
C LEU D 56 -24.55 4.86 15.04
N LEU D 57 -24.06 5.22 16.22
CA LEU D 57 -24.74 4.82 17.45
C LEU D 57 -26.14 5.40 17.52
N SER D 58 -26.33 6.62 17.00
CA SER D 58 -27.65 7.23 16.97
C SER D 58 -28.60 6.53 16.01
N ASN D 59 -28.07 5.86 14.99
CA ASN D 59 -28.88 5.15 14.00
C ASN D 59 -28.97 3.66 14.29
N GLY D 60 -28.83 3.26 15.56
CA GLY D 60 -28.98 1.88 15.93
C GLY D 60 -27.83 0.97 15.55
N PHE D 61 -26.64 1.51 15.35
CA PHE D 61 -25.48 0.70 15.02
C PHE D 61 -24.68 0.36 16.27
N GLU D 62 -24.07 -0.82 16.26
CA GLU D 62 -23.12 -1.22 17.28
C GLU D 62 -21.72 -1.07 16.71
N ILE D 63 -20.88 -0.29 17.38
CA ILE D 63 -19.52 -0.04 16.90
C ILE D 63 -18.67 -1.28 17.13
N ILE D 64 -18.04 -1.77 16.07
CA ILE D 64 -17.16 -2.93 16.16
C ILE D 64 -15.71 -2.44 16.15
N PHE D 65 -15.49 -1.28 15.55
CA PHE D 65 -14.14 -0.83 15.22
C PHE D 65 -14.17 0.67 14.97
N GLN D 66 -13.38 1.43 15.74
CA GLN D 66 -13.29 2.89 15.62
C GLN D 66 -11.86 3.29 15.99
N ALA D 67 -11.02 3.42 14.97
CA ALA D 67 -9.61 3.77 15.15
C ALA D 67 -9.02 4.03 13.78
N ALA D 68 -7.87 4.69 13.77
CA ALA D 68 -7.27 5.13 12.52
C ALA D 68 -8.14 6.15 11.79
N ASP D 69 -8.43 5.79 10.52
CA ASP D 69 -9.17 6.57 9.54
C ASP D 69 -10.43 5.85 9.09
N GLY D 70 -10.94 4.96 9.93
CA GLY D 70 -12.19 4.27 9.59
C GLY D 70 -13.00 3.87 10.80
N VAL D 71 -14.24 3.45 10.52
CA VAL D 71 -15.17 2.94 11.52
C VAL D 71 -15.93 1.76 10.92
N THR D 72 -15.91 0.62 11.61
CA THR D 72 -16.62 -0.58 11.19
C THR D 72 -17.66 -0.93 12.24
N ALA D 73 -18.91 -1.10 11.80
CA ALA D 73 -20.01 -1.36 12.72
C ALA D 73 -21.00 -2.31 12.06
N LYS D 74 -22.00 -2.72 12.83
CA LYS D 74 -23.04 -3.62 12.37
C LYS D 74 -24.38 -3.16 12.93
N THR D 75 -25.46 -3.69 12.38
CA THR D 75 -26.78 -3.31 12.84
C THR D 75 -27.78 -4.41 12.48
N ASP D 76 -28.66 -4.72 13.44
CA ASP D 76 -29.78 -5.63 13.23
C ASP D 76 -31.08 -4.90 12.98
N ASN D 77 -31.07 -3.57 12.97
CA ASN D 77 -32.28 -2.79 12.76
C ASN D 77 -32.44 -2.40 11.30
N VAL D 79 -32.35 0.72 8.71
CA VAL D 79 -31.62 1.98 8.84
C VAL D 79 -31.71 2.79 7.55
N ASN D 80 -31.30 4.05 7.62
CA ASN D 80 -31.30 4.96 6.47
C ASN D 80 -29.89 4.99 5.88
N LEU D 81 -29.56 3.94 5.13
CA LEU D 81 -28.23 3.84 4.54
C LEU D 81 -27.89 5.07 3.73
N ASN D 82 -28.85 5.60 2.98
CA ASN D 82 -28.61 6.80 2.19
C ASN D 82 -28.29 8.00 3.09
N PHE D 83 -29.14 8.22 4.11
CA PHE D 83 -28.87 9.30 5.05
C PHE D 83 -27.59 9.04 5.84
N VAL D 84 -27.32 7.78 6.16
CA VAL D 84 -26.12 7.44 6.92
C VAL D 84 -24.87 7.84 6.14
N PHE D 85 -24.80 7.41 4.87
CA PHE D 85 -23.60 7.70 4.08
C PHE D 85 -23.55 9.18 3.68
N ASP D 86 -24.69 9.85 3.60
CA ASP D 86 -24.68 11.26 3.24
C ASP D 86 -23.98 12.09 4.31
N LYS D 87 -24.23 11.79 5.59
CA LYS D 87 -23.47 12.45 6.65
C LYS D 87 -22.01 12.04 6.61
N ILE D 88 -21.72 10.79 6.25
CA ILE D 88 -20.34 10.36 6.08
C ILE D 88 -19.64 11.23 5.03
N LYS D 89 -20.31 11.49 3.91
CA LYS D 89 -19.74 12.39 2.90
C LYS D 89 -19.53 13.79 3.45
N SER D 90 -20.41 14.25 4.34
CA SER D 90 -20.29 15.59 4.88
C SER D 90 -19.12 15.70 5.86
N TYR D 91 -18.80 14.61 6.56
CA TYR D 91 -17.71 14.62 7.53
C TYR D 91 -16.34 14.77 6.88
N SER D 92 -16.25 14.82 5.57
CA SER D 92 -14.97 14.98 4.90
C SER D 92 -14.36 16.33 5.26
N PHE D 93 -13.03 16.35 5.38
CA PHE D 93 -12.31 17.57 5.73
C PHE D 93 -11.03 17.66 4.90
N ASP D 94 -10.73 18.87 4.44
CA ASP D 94 -9.51 19.14 3.66
C ASP D 94 -9.55 18.25 2.42
N GLU D 95 -8.48 17.54 2.09
CA GLU D 95 -8.41 16.69 0.91
C GLU D 95 -8.74 15.24 1.23
N ILE D 96 -9.44 14.99 2.34
CA ILE D 96 -9.71 13.64 2.83
C ILE D 96 -11.21 13.39 2.79
N THR D 97 -11.63 12.41 2.01
CA THR D 97 -13.01 11.95 1.96
C THR D 97 -13.10 10.56 2.59
N PHE D 98 -14.27 9.93 2.45
CA PHE D 98 -14.50 8.63 3.06
C PHE D 98 -15.30 7.75 2.12
N SER D 99 -14.91 6.48 2.05
CA SER D 99 -15.65 5.45 1.32
C SER D 99 -16.21 4.44 2.32
N ALA D 100 -17.12 3.60 1.85
CA ALA D 100 -17.77 2.65 2.72
C ALA D 100 -18.11 1.38 1.94
N GLY D 101 -18.24 0.28 2.69
CA GLY D 101 -18.67 -0.98 2.13
C GLY D 101 -19.69 -1.67 3.00
N VAL D 102 -20.79 -2.13 2.41
CA VAL D 102 -21.88 -2.76 3.13
C VAL D 102 -22.02 -4.20 2.68
N GLY D 103 -22.29 -5.09 3.63
CA GLY D 103 -22.49 -6.50 3.33
C GLY D 103 -23.26 -7.16 4.44
N ALA D 104 -23.41 -8.48 4.31
CA ALA D 104 -24.09 -9.28 5.33
C ALA D 104 -23.16 -9.78 6.43
N ASN D 105 -21.85 -9.78 6.18
CA ASN D 105 -20.87 -10.17 7.18
C ASN D 105 -19.63 -9.29 6.99
N LEU D 106 -18.61 -9.54 7.82
CA LEU D 106 -17.40 -8.73 7.78
C LEU D 106 -16.68 -8.87 6.44
N ARG D 107 -16.66 -10.07 5.88
CA ARG D 107 -15.97 -10.27 4.61
C ARG D 107 -16.64 -9.48 3.49
N GLU D 108 -17.97 -9.54 3.41
CA GLU D 108 -18.67 -8.83 2.34
C GLU D 108 -18.50 -7.33 2.47
N ALA D 109 -18.63 -6.79 3.68
CA ALA D 109 -18.43 -5.35 3.88
C ALA D 109 -17.02 -4.94 3.48
N TYR D 110 -16.02 -5.74 3.83
CA TYR D 110 -14.64 -5.42 3.49
C TYR D 110 -14.43 -5.45 1.97
N VAL D 111 -14.96 -6.47 1.30
CA VAL D 111 -14.84 -6.55 -0.15
C VAL D 111 -15.59 -5.38 -0.80
N ALA D 112 -16.73 -4.99 -0.23
CA ALA D 112 -17.45 -3.84 -0.74
C ALA D 112 -16.65 -2.57 -0.55
N LEU D 113 -15.90 -2.46 0.55
CA LEU D 113 -15.05 -1.30 0.77
C LEU D 113 -13.95 -1.23 -0.28
N LEU D 114 -13.28 -2.35 -0.53
CA LEU D 114 -12.27 -2.39 -1.58
C LEU D 114 -12.87 -2.05 -2.94
N ASN D 115 -14.12 -2.42 -3.17
CA ASN D 115 -14.78 -2.06 -4.42
C ASN D 115 -14.94 -0.55 -4.54
N SER D 116 -15.30 0.12 -3.44
CA SER D 116 -15.39 1.57 -3.47
C SER D 116 -14.02 2.21 -3.63
N LYS D 117 -13.00 1.65 -2.98
CA LYS D 117 -11.65 2.19 -3.10
C LYS D 117 -11.12 2.07 -4.52
N SER D 118 -11.43 0.96 -5.20
CA SER D 118 -10.86 0.70 -6.52
C SER D 118 -11.68 1.33 -7.64
N ASN D 119 -12.84 1.89 -7.34
CA ASN D 119 -13.71 2.50 -8.34
C ASN D 119 -13.91 3.99 -8.05
N GLY D 120 -12.83 4.66 -7.65
CA GLY D 120 -12.89 6.07 -7.34
C GLY D 120 -12.68 6.39 -5.88
N LYS D 121 -13.60 7.16 -5.30
CA LYS D 121 -13.51 7.52 -3.89
C LYS D 121 -14.82 8.20 -3.50
N ASN D 122 -15.01 8.37 -2.19
CA ASN D 122 -16.19 9.03 -1.64
C ASN D 122 -17.47 8.37 -2.14
N MET D 123 -17.43 7.04 -2.26
CA MET D 123 -18.58 6.27 -2.72
C MET D 123 -18.83 5.12 -1.75
N ILE D 124 -20.07 4.68 -1.69
CA ILE D 124 -20.48 3.54 -0.87
C ILE D 124 -20.87 2.40 -1.80
N SER D 125 -20.55 1.17 -1.40
CA SER D 125 -20.85 -0.01 -2.18
C SER D 125 -21.58 -1.03 -1.32
N ILE D 126 -22.46 -1.80 -1.96
CA ILE D 126 -23.19 -2.89 -1.32
C ILE D 126 -22.71 -4.19 -1.97
N TYR D 127 -22.34 -5.17 -1.14
CA TYR D 127 -21.76 -6.40 -1.67
C TYR D 127 -22.69 -7.07 -2.67
N LYS D 128 -24.00 -7.10 -2.37
CA LYS D 128 -24.94 -7.75 -3.26
C LYS D 128 -25.10 -7.02 -4.59
N ASP D 129 -24.66 -5.76 -4.66
CA ASP D 129 -24.74 -5.00 -5.90
C ASP D 129 -23.53 -5.19 -6.79
N ILE D 130 -22.44 -5.75 -6.28
CA ILE D 130 -21.26 -5.99 -7.10
C ILE D 130 -21.24 -7.38 -7.71
N LEU D 131 -22.05 -8.30 -7.19
CA LEU D 131 -22.11 -9.66 -7.71
C LEU D 131 -22.67 -9.68 -9.13
PG APC E . 3.70 -1.35 7.12
O1G APC E . 4.23 -1.30 5.71
O2G APC E . 3.34 0.04 7.57
O3G APC E . 4.74 -1.93 8.04
PB APC E . 0.91 -1.79 7.73
O1B APC E . 1.05 -1.42 9.20
O2B APC E . -0.12 -2.90 7.60
O3B APC E . 2.36 -2.31 7.16
PA APC E . -0.35 1.06 7.79
O1A APC E . -0.67 2.24 6.91
O2A APC E . 0.66 1.47 8.84
C3A APC E . 0.38 -0.31 6.76
O5' APC E . -1.60 0.55 8.45
H3A1 APC E . 1.25 0.08 6.23
H3A2 APC E . -0.35 -0.61 6.02
MG MG F . 0.41 3.22 9.88
MG MG G . 2.13 0.31 9.82
PG APC H . 2.37 -7.87 -1.36
O1G APC H . 2.66 -9.35 -1.20
O2G APC H . 1.43 -7.42 -0.27
O3G APC H . 1.73 -7.64 -2.70
PB APC H . 4.49 -6.32 -2.57
O1B APC H . 4.98 -7.38 -3.52
O2B APC H . 5.65 -5.46 -2.12
O3B APC H . 3.78 -7.03 -1.26
PA APC H . 3.04 -5.64 -5.25
O1A APC H . 4.19 -5.03 -6.01
O2A APC H . 1.74 -5.07 -5.76
C3A APC H . 3.23 -5.26 -3.43
O5' APC H . 3.05 -7.14 -5.44
H3A1 APC H . 2.27 -5.39 -2.95
H3A2 APC H . 3.52 -4.22 -3.33
MG MG I . 3.52 -8.58 -4.42
MG MG J . 1.98 -7.23 -7.37
PG APC K . 0.58 4.54 -6.79
O1G APC K . 1.96 3.94 -6.56
O2G APC K . 0.64 5.46 -7.98
O3G APC K . 0.19 5.32 -5.57
PB APC K . -0.39 2.10 -8.14
O1B APC K . -1.32 2.32 -9.32
O2B APC K . -0.72 0.81 -7.45
O3B APC K . -0.54 3.35 -7.05
PA APC K . 2.36 0.58 -8.08
O1A APC K . 1.62 -0.70 -8.40
O2A APC K . 2.54 0.70 -6.59
C3A APC K . 1.36 2.02 -8.73
O5' APC K . 3.71 0.57 -8.76
H3A1 APC K . 1.37 1.97 -9.80
H3A2 APC K . 1.87 2.93 -8.42
MG MG L . 5.28 0.83 -9.58
MG MG M . 2.40 3.21 -9.84
PG APC N . -6.81 3.95 1.38
O1G APC N . -7.29 2.79 2.22
O2G APC N . -7.93 4.41 0.47
O3G APC N . -5.64 3.50 0.54
PB APC N . -5.00 5.21 3.28
O1B APC N . -5.31 5.77 4.64
O2B APC N . -3.94 6.06 2.61
O3B APC N . -6.36 5.20 2.35
PA APC N . -5.01 2.73 5.08
O1A APC N . -4.44 1.34 5.21
O2A APC N . -6.52 2.66 5.01
C3A APC N . -4.37 3.47 3.49
O5' APC N . -4.55 3.61 6.39
C5' APC N . -4.98 3.25 7.68
C4' APC N . -4.33 1.92 8.12
O4' APC N . -4.00 1.91 9.38
C3' APC N . -5.38 0.79 7.97
O3' APC N . -4.92 -0.13 7.09
C2' APC N . -5.49 0.12 9.36
O2' APC N . -5.58 -1.35 9.19
C1' APC N . -4.39 0.44 9.95
N9 APC N . -4.53 0.57 11.37
C8 APC N . -3.27 0.89 11.68
N7 APC N . -3.20 1.06 13.00
C5 APC N . -4.42 0.85 13.51
C6 APC N . -4.89 0.91 14.80
N6 APC N . -4.41 1.16 16.15
N1 APC N . -6.16 0.65 15.05
C2 APC N . -7.00 0.35 14.03
N3 APC N . -6.54 0.30 12.76
C4 APC N . -5.25 0.55 12.50
H3A1 APC N . -3.28 3.48 3.51
H3A2 APC N . -4.71 2.86 2.65
H5'1 APC N . -6.06 3.13 7.67
H5'2 APC N . -4.71 4.03 8.38
H4' APC N . -3.43 1.72 7.53
H3' APC N . -6.32 1.21 7.68
HO3' APC N . -4.01 -0.28 7.27
H2' APC N . -6.35 0.50 9.91
HO2' APC N . -4.87 -1.65 8.65
H1' APC N . -3.65 -0.32 9.70
H8 APC N . -2.26 1.07 11.32
HN61 APC N . -3.46 1.45 16.30
HN62 APC N . -5.02 1.06 16.94
H2 APC N . -8.04 0.14 14.24
MG MG O . -7.95 4.87 4.28
MG MG P . -7.84 2.76 6.87
#